data_4PTU
#
_entry.id   4PTU
#
_cell.length_a   132.150
_cell.length_b   48.740
_cell.length_c   79.310
_cell.angle_alpha   90.00
_cell.angle_beta   120.20
_cell.angle_gamma   90.00
#
_symmetry.space_group_name_H-M   'C 1 2 1'
#
loop_
_entity.id
_entity.type
_entity.pdbx_description
1 polymer 'Antibody pn132p2C05, light chain'
2 polymer 'Antibody pn132p2C05, heavy chain'
3 non-polymer 'ACETATE ION'
4 non-polymer alpha-L-rhamnopyranose
5 water water
#
loop_
_entity_poly.entity_id
_entity_poly.type
_entity_poly.pdbx_seq_one_letter_code
_entity_poly.pdbx_strand_id
1 'polypeptide(L)'
;MEIVLTQSPATLSLSPGERGTLSCRASQSVGTYLAWYQHKPGQAPRPLIYDASRRATGIPARFSGSGSGTDFTLTISGLE
PEDVAVYYCQHRDSWPPGATFGGGTKVEIKRTVAAPSVFIFPPSDEQLKSGTASVVCLLNNFYPREAKVQWKVDNALQSG
NSQESVTEQDSKDSTYSLSSTLTLSKADYEKHKVYACEVTHQGLSSPVTKSFNRGEC
;
A
2 'polypeptide(L)'
;MAQLVESGGGVVQPGRSLTLSCAASGFTFSSHGMHWVRQAPGKGLEWVAVIASHGNVNYYADSVKGRFTISRDNSKNTLS
LQMDSLRAEDTAVYYCAKESDSCGGDCSRFAFDVWGHGTMVTVSSASTKGPSVFPLAPSSKSTSGGTAALGCLVKDYFPE
PVTVSWNSGALTSGVHTFPAVLQSSGLYSLSSVVTVPSSSLGTQTYICNVNHKPSNTKVDKRVEPKSCDKTHTNG
;
B
#
loop_
_chem_comp.id
_chem_comp.type
_chem_comp.name
_chem_comp.formula
ACT non-polymer 'ACETATE ION' 'C2 H3 O2 -1'
RAM L-saccharide, alpha linking alpha-L-rhamnopyranose 'C6 H12 O5'
#
# COMPACT_ATOMS: atom_id res chain seq x y z
N ILE A 3 13.58 -19.28 11.80
CA ILE A 3 14.40 -18.26 11.16
C ILE A 3 13.68 -16.90 11.06
N VAL A 4 14.35 -15.85 11.51
CA VAL A 4 13.85 -14.49 11.34
C VAL A 4 14.85 -13.72 10.51
N LEU A 5 14.37 -13.01 9.49
CA LEU A 5 15.21 -12.11 8.70
C LEU A 5 14.94 -10.65 9.07
N THR A 6 15.98 -9.93 9.48
CA THR A 6 15.86 -8.54 9.92
C THR A 6 16.46 -7.61 8.89
N GLN A 7 15.63 -6.76 8.30
CA GLN A 7 16.11 -5.83 7.29
C GLN A 7 16.31 -4.44 7.87
N SER A 8 17.36 -3.77 7.41
CA SER A 8 17.57 -2.37 7.77
C SER A 8 18.29 -1.65 6.63
N PRO A 9 18.14 -0.32 6.56
CA PRO A 9 17.22 0.48 7.38
C PRO A 9 15.77 0.28 6.95
N ALA A 10 14.83 0.76 7.75
CA ALA A 10 13.42 0.61 7.40
C ALA A 10 13.10 1.36 6.10
N THR A 11 13.68 2.56 5.99
CA THR A 11 13.61 3.37 4.78
C THR A 11 15.03 3.77 4.43
N LEU A 12 15.37 3.63 3.16
CA LEU A 12 16.65 4.07 2.66
C LEU A 12 16.40 5.22 1.69
N SER A 13 16.91 6.40 2.02
CA SER A 13 16.69 7.57 1.18
C SER A 13 17.93 7.88 0.34
N LEU A 14 17.80 7.78 -0.98
CA LEU A 14 18.93 7.98 -1.88
C LEU A 14 18.65 9.11 -2.87
N SER A 15 19.64 9.97 -3.09
CA SER A 15 19.58 10.92 -4.19
C SER A 15 19.63 10.15 -5.50
N PRO A 16 19.03 10.70 -6.57
CA PRO A 16 19.18 10.06 -7.88
C PRO A 16 20.67 9.91 -8.17
N GLY A 17 21.09 8.72 -8.60
CA GLY A 17 22.49 8.48 -8.84
C GLY A 17 23.29 8.04 -7.64
N GLU A 18 22.71 8.10 -6.43
CA GLU A 18 23.48 7.76 -5.22
C GLU A 18 23.53 6.27 -4.99
N ARG A 19 24.68 5.78 -4.55
CA ARG A 19 24.86 4.38 -4.18
C ARG A 19 24.20 4.12 -2.82
N GLY A 20 23.58 2.95 -2.70
CA GLY A 20 22.94 2.59 -1.45
C GLY A 20 23.09 1.11 -1.14
N THR A 21 23.11 0.79 0.15
CA THR A 21 23.24 -0.57 0.62
C THR A 21 22.09 -0.93 1.55
N LEU A 22 21.45 -2.05 1.25
CA LEU A 22 20.37 -2.62 2.06
C LEU A 22 20.89 -3.83 2.78
N SER A 23 20.55 -3.96 4.06
CA SER A 23 21.03 -5.05 4.90
CA SER A 23 21.04 -5.08 4.85
C SER A 23 19.94 -6.05 5.26
N CYS A 24 20.29 -7.33 5.28
CA CYS A 24 19.40 -8.39 5.73
CA CYS A 24 19.40 -8.39 5.73
C CYS A 24 20.21 -9.28 6.66
N ARG A 25 19.76 -9.44 7.90
CA ARG A 25 20.48 -10.30 8.83
C ARG A 25 19.58 -11.41 9.32
N ALA A 26 20.08 -12.63 9.20
CA ALA A 26 19.32 -13.80 9.60
C ALA A 26 19.59 -14.13 11.07
N SER A 27 18.57 -14.65 11.76
CA SER A 27 18.69 -14.93 13.20
C SER A 27 19.62 -16.11 13.46
N GLN A 28 19.84 -16.92 12.44
CA GLN A 28 20.87 -17.96 12.46
C GLN A 28 21.36 -18.19 11.03
N SER A 29 22.45 -18.93 10.86
CA SER A 29 23.04 -19.08 9.53
C SER A 29 22.08 -19.72 8.55
N VAL A 30 22.05 -19.16 7.34
CA VAL A 30 21.25 -19.74 6.26
C VAL A 30 22.13 -20.00 5.05
N GLY A 31 23.44 -20.03 5.25
CA GLY A 31 24.36 -20.30 4.16
C GLY A 31 24.27 -19.23 3.11
N THR A 32 23.99 -19.63 1.87
CA THR A 32 23.72 -18.66 0.81
C THR A 32 22.28 -18.75 0.34
N TYR A 33 21.40 -19.36 1.13
CA TYR A 33 19.99 -19.49 0.76
C TYR A 33 19.22 -18.22 1.12
N LEU A 34 19.47 -17.17 0.34
CA LEU A 34 18.92 -15.86 0.62
C LEU A 34 18.66 -15.16 -0.72
N ALA A 35 17.39 -14.79 -0.96
CA ALA A 35 17.00 -14.14 -2.21
C ALA A 35 16.52 -12.72 -1.92
N TRP A 36 16.53 -11.88 -2.96
CA TRP A 36 16.03 -10.52 -2.87
C TRP A 36 15.00 -10.26 -3.94
N TYR A 37 13.94 -9.53 -3.57
CA TYR A 37 12.86 -9.13 -4.47
C TYR A 37 12.62 -7.65 -4.40
N GLN A 38 12.23 -7.08 -5.54
CA GLN A 38 11.75 -5.71 -5.63
C GLN A 38 10.24 -5.74 -5.68
N HIS A 39 9.57 -4.90 -4.90
CA HIS A 39 8.11 -4.86 -4.96
C HIS A 39 7.57 -3.46 -5.05
N LYS A 40 6.77 -3.22 -6.09
CA LYS A 40 6.07 -1.95 -6.24
C LYS A 40 4.59 -2.19 -6.04
N PRO A 41 3.89 -1.22 -5.45
CA PRO A 41 2.44 -1.36 -5.26
C PRO A 41 1.72 -1.73 -6.55
N GLY A 42 0.81 -2.69 -6.46
CA GLY A 42 0.02 -3.11 -7.60
C GLY A 42 0.72 -4.04 -8.58
N GLN A 43 1.94 -4.46 -8.25
CA GLN A 43 2.70 -5.37 -9.11
C GLN A 43 3.17 -6.58 -8.32
N ALA A 44 3.43 -7.69 -9.01
CA ALA A 44 4.04 -8.84 -8.37
C ALA A 44 5.47 -8.53 -7.96
N PRO A 45 5.90 -9.09 -6.83
CA PRO A 45 7.32 -9.01 -6.49
C PRO A 45 8.18 -9.51 -7.66
N ARG A 46 9.29 -8.81 -7.90
CA ARG A 46 10.21 -9.09 -9.00
C ARG A 46 11.52 -9.66 -8.43
N PRO A 47 11.88 -10.89 -8.81
CA PRO A 47 13.16 -11.43 -8.31
C PRO A 47 14.35 -10.64 -8.81
N LEU A 48 15.28 -10.33 -7.91
CA LEU A 48 16.50 -9.62 -8.23
C LEU A 48 17.73 -10.50 -8.11
N ILE A 49 17.83 -11.19 -6.97
CA ILE A 49 19.00 -11.97 -6.59
C ILE A 49 18.56 -13.31 -6.06
N TYR A 50 19.20 -14.37 -6.55
CA TYR A 50 19.02 -15.71 -6.04
C TYR A 50 20.29 -16.20 -5.35
N ASP A 51 20.12 -17.04 -4.33
CA ASP A 51 21.26 -17.70 -3.69
C ASP A 51 22.38 -16.70 -3.34
N ALA A 52 21.94 -15.60 -2.72
CA ALA A 52 22.76 -14.55 -2.13
C ALA A 52 23.44 -13.62 -3.12
N SER A 53 23.92 -14.14 -4.25
CA SER A 53 24.69 -13.29 -5.16
C SER A 53 24.42 -13.47 -6.65
N ARG A 54 23.54 -14.39 -7.02
CA ARG A 54 23.27 -14.63 -8.44
C ARG A 54 22.15 -13.72 -8.95
N ARG A 55 22.47 -12.85 -9.90
CA ARG A 55 21.45 -11.99 -10.51
C ARG A 55 20.42 -12.80 -11.27
N ALA A 56 19.15 -12.50 -11.05
CA ALA A 56 18.07 -13.07 -11.85
C ALA A 56 18.25 -12.59 -13.29
N THR A 57 17.81 -13.37 -14.26
CA THR A 57 17.94 -12.98 -15.67
C THR A 57 17.22 -11.65 -15.94
N GLY A 58 17.87 -10.78 -16.72
CA GLY A 58 17.28 -9.50 -17.08
C GLY A 58 17.51 -8.38 -16.07
N ILE A 59 18.02 -8.74 -14.90
CA ILE A 59 18.27 -7.75 -13.87
C ILE A 59 19.58 -7.02 -14.17
N PRO A 60 19.55 -5.68 -14.20
CA PRO A 60 20.75 -4.91 -14.52
C PRO A 60 21.84 -5.06 -13.47
N ALA A 61 23.09 -4.89 -13.90
CA ALA A 61 24.24 -5.08 -13.03
C ALA A 61 24.29 -4.09 -11.86
N ARG A 62 23.51 -3.02 -11.92
CA ARG A 62 23.57 -2.05 -10.84
C ARG A 62 22.98 -2.63 -9.54
N PHE A 63 22.28 -3.76 -9.63
CA PHE A 63 21.90 -4.52 -8.44
C PHE A 63 22.90 -5.65 -8.20
N SER A 64 23.49 -5.69 -7.00
CA SER A 64 24.36 -6.79 -6.66
C SER A 64 24.10 -7.29 -5.25
N GLY A 65 24.17 -8.61 -5.07
CA GLY A 65 23.95 -9.23 -3.78
C GLY A 65 25.23 -9.83 -3.25
N SER A 66 25.40 -9.74 -1.95
CA SER A 66 26.59 -10.31 -1.31
C SER A 66 26.25 -10.90 0.05
N GLY A 67 27.11 -11.78 0.54
CA GLY A 67 26.99 -12.25 1.90
C GLY A 67 26.80 -13.75 2.01
N SER A 68 27.00 -14.25 3.23
CA SER A 68 26.92 -15.66 3.52
C SER A 68 26.71 -15.81 5.01
N GLY A 69 26.00 -16.85 5.42
CA GLY A 69 25.79 -17.09 6.83
C GLY A 69 24.63 -16.29 7.39
N THR A 70 24.93 -15.20 8.08
CA THR A 70 23.86 -14.43 8.70
C THR A 70 23.72 -13.03 8.10
N ASP A 71 24.78 -12.50 7.51
CA ASP A 71 24.78 -11.10 7.08
C ASP A 71 24.79 -10.96 5.57
N PHE A 72 23.75 -10.30 5.04
CA PHE A 72 23.60 -10.15 3.59
C PHE A 72 23.38 -8.70 3.20
N THR A 73 23.82 -8.35 2.00
CA THR A 73 23.60 -7.01 1.49
C THR A 73 23.11 -7.02 0.06
N LEU A 74 22.25 -6.05 -0.24
CA LEU A 74 21.86 -5.72 -1.60
C LEU A 74 22.38 -4.31 -1.87
N THR A 75 23.19 -4.16 -2.91
CA THR A 75 23.74 -2.86 -3.26
C THR A 75 23.07 -2.37 -4.54
N ILE A 76 22.66 -1.10 -4.52
CA ILE A 76 22.20 -0.40 -5.72
C ILE A 76 23.28 0.63 -6.06
N SER A 77 24.00 0.44 -7.17
CA SER A 77 25.19 1.26 -7.35
C SER A 77 24.90 2.75 -7.65
N GLY A 78 23.67 3.05 -8.02
CA GLY A 78 23.25 4.41 -8.30
C GLY A 78 21.75 4.42 -8.56
N LEU A 79 21.00 5.05 -7.67
CA LEU A 79 19.54 4.98 -7.75
C LEU A 79 19.02 5.57 -9.05
N GLU A 80 18.17 4.82 -9.75
CA GLU A 80 17.42 5.36 -10.87
C GLU A 80 15.97 5.52 -10.40
N PRO A 81 15.22 6.45 -11.00
CA PRO A 81 13.89 6.77 -10.45
C PRO A 81 12.95 5.56 -10.33
N GLU A 82 13.03 4.62 -11.26
CA GLU A 82 12.12 3.47 -11.16
C GLU A 82 12.68 2.37 -10.23
N ASP A 83 13.75 2.65 -9.49
CA ASP A 83 14.23 1.75 -8.44
C ASP A 83 13.50 2.00 -7.13
N VAL A 84 12.66 3.02 -7.08
CA VAL A 84 11.86 3.31 -5.90
C VAL A 84 10.84 2.19 -5.74
N ALA A 85 10.92 1.51 -4.60
CA ALA A 85 10.21 0.26 -4.36
C ALA A 85 10.49 -0.19 -2.94
N VAL A 86 9.81 -1.25 -2.51
CA VAL A 86 10.15 -1.91 -1.26
C VAL A 86 10.89 -3.19 -1.60
N TYR A 87 12.03 -3.41 -0.95
CA TYR A 87 12.89 -4.55 -1.25
C TYR A 87 12.81 -5.56 -0.11
N TYR A 88 12.59 -6.82 -0.44
CA TYR A 88 12.46 -7.89 0.56
C TYR A 88 13.54 -8.94 0.37
N CYS A 89 14.10 -9.42 1.46
CA CYS A 89 14.90 -10.63 1.42
C CYS A 89 14.05 -11.83 1.83
N GLN A 90 14.53 -13.02 1.49
CA GLN A 90 13.70 -14.22 1.60
C GLN A 90 14.57 -15.45 1.77
N HIS A 91 14.15 -16.35 2.64
CA HIS A 91 14.84 -17.62 2.85
C HIS A 91 13.88 -18.80 2.75
N ARG A 92 14.41 -19.96 2.37
CA ARG A 92 13.66 -21.20 2.43
C ARG A 92 14.70 -22.30 2.45
N ASP A 93 14.32 -23.45 3.00
CA ASP A 93 15.17 -24.64 2.96
C ASP A 93 14.29 -25.86 2.69
N SER A 94 14.93 -27.02 2.67
CA SER A 94 14.27 -28.25 2.23
C SER A 94 13.10 -28.69 3.10
N TRP A 95 13.36 -28.90 4.38
CA TRP A 95 12.34 -29.47 5.25
C TRP A 95 12.58 -29.09 6.69
N PRO A 96 11.59 -28.45 7.35
CA PRO A 96 10.29 -28.02 6.83
C PRO A 96 10.44 -27.01 5.69
N PRO A 97 9.44 -26.92 4.82
CA PRO A 97 9.65 -26.24 3.54
C PRO A 97 9.14 -24.80 3.47
N GLY A 98 8.67 -24.23 4.57
CA GLY A 98 8.11 -22.89 4.53
C GLY A 98 9.12 -21.80 4.31
N ALA A 99 8.70 -20.73 3.66
CA ALA A 99 9.57 -19.59 3.41
C ALA A 99 9.39 -18.51 4.45
N THR A 100 10.43 -17.72 4.65
CA THR A 100 10.38 -16.55 5.51
C THR A 100 10.84 -15.34 4.71
N PHE A 101 10.22 -14.20 4.98
CA PHE A 101 10.61 -12.93 4.39
C PHE A 101 11.09 -11.95 5.44
N GLY A 102 12.03 -11.10 5.05
CA GLY A 102 12.30 -9.93 5.86
C GLY A 102 11.12 -8.96 5.83
N GLY A 103 11.17 -7.96 6.70
CA GLY A 103 10.06 -7.02 6.78
C GLY A 103 10.06 -5.95 5.71
N GLY A 104 11.11 -5.89 4.89
CA GLY A 104 11.13 -4.93 3.80
C GLY A 104 11.92 -3.68 4.12
N THR A 105 12.58 -3.13 3.11
CA THR A 105 13.22 -1.83 3.16
C THR A 105 12.64 -0.97 2.04
N LYS A 106 12.04 0.16 2.41
CA LYS A 106 11.49 1.05 1.43
C LYS A 106 12.62 1.92 0.90
N VAL A 107 12.83 1.94 -0.41
CA VAL A 107 13.80 2.85 -0.99
C VAL A 107 13.08 4.03 -1.60
N GLU A 108 13.42 5.23 -1.17
CA GLU A 108 12.78 6.44 -1.69
C GLU A 108 13.84 7.41 -2.20
N ILE A 109 13.39 8.42 -2.92
CA ILE A 109 14.28 9.47 -3.41
C ILE A 109 14.50 10.54 -2.35
N LYS A 110 15.78 10.85 -2.12
CA LYS A 110 16.17 11.93 -1.23
C LYS A 110 16.18 13.24 -2.01
N ARG A 111 15.64 14.30 -1.39
CA ARG A 111 15.65 15.62 -1.99
C ARG A 111 15.80 16.65 -0.87
N THR A 112 15.89 17.92 -1.24
CA THR A 112 15.99 18.98 -0.26
C THR A 112 14.72 19.06 0.60
N VAL A 113 14.87 19.59 1.80
CA VAL A 113 13.73 19.79 2.69
C VAL A 113 12.71 20.73 2.05
N ALA A 114 11.44 20.39 2.23
CA ALA A 114 10.32 21.18 1.73
C ALA A 114 9.27 21.23 2.84
N ALA A 115 8.95 22.43 3.33
CA ALA A 115 7.92 22.55 4.35
C ALA A 115 6.54 22.38 3.72
N PRO A 116 5.61 21.76 4.48
CA PRO A 116 4.26 21.64 3.94
C PRO A 116 3.51 22.95 3.89
N SER A 117 2.67 23.13 2.90
CA SER A 117 1.61 24.12 3.01
CA SER A 117 1.60 24.11 2.99
C SER A 117 0.44 23.42 3.71
N VAL A 118 -0.17 24.13 4.65
CA VAL A 118 -1.17 23.53 5.52
C VAL A 118 -2.53 24.17 5.32
N PHE A 119 -3.56 23.34 5.25
CA PHE A 119 -4.93 23.82 5.05
C PHE A 119 -5.88 23.07 5.96
N ILE A 120 -6.91 23.76 6.45
CA ILE A 120 -7.94 23.11 7.25
C ILE A 120 -9.32 23.32 6.60
N PHE A 121 -10.15 22.30 6.69
CA PHE A 121 -11.49 22.31 6.09
C PHE A 121 -12.53 21.94 7.13
N PRO A 122 -13.47 22.86 7.44
CA PRO A 122 -14.57 22.50 8.33
C PRO A 122 -15.50 21.51 7.66
N PRO A 123 -16.31 20.79 8.44
CA PRO A 123 -17.33 19.93 7.83
C PRO A 123 -18.28 20.76 6.98
N SER A 124 -18.69 20.19 5.86
CA SER A 124 -19.63 20.85 4.97
C SER A 124 -21.00 20.88 5.62
N ASP A 125 -21.82 21.85 5.20
CA ASP A 125 -23.20 21.90 5.60
C ASP A 125 -23.90 20.61 5.22
N GLU A 126 -23.60 20.13 4.01
CA GLU A 126 -24.16 18.89 3.49
C GLU A 126 -23.88 17.70 4.41
N GLN A 127 -22.62 17.52 4.82
CA GLN A 127 -22.31 16.40 5.69
C GLN A 127 -22.99 16.57 7.03
N LEU A 128 -23.00 17.82 7.52
CA LEU A 128 -23.63 18.12 8.78
C LEU A 128 -25.11 17.73 8.73
N LYS A 129 -25.76 18.05 7.63
CA LYS A 129 -27.15 17.67 7.42
C LYS A 129 -27.29 16.15 7.40
N SER A 130 -26.19 15.44 7.16
CA SER A 130 -26.25 13.98 7.07
C SER A 130 -25.84 13.27 8.37
N GLY A 131 -25.55 14.02 9.43
CA GLY A 131 -25.37 13.42 10.74
C GLY A 131 -23.98 13.34 11.36
N THR A 132 -22.94 13.45 10.54
CA THR A 132 -21.57 13.37 11.06
C THR A 132 -20.76 14.60 10.71
N ALA A 133 -19.63 14.77 11.40
CA ALA A 133 -18.77 15.92 11.14
C ALA A 133 -17.32 15.47 10.95
N SER A 134 -16.81 15.65 9.75
CA SER A 134 -15.40 15.39 9.48
C SER A 134 -14.65 16.69 9.31
N VAL A 135 -13.57 16.86 10.07
CA VAL A 135 -12.70 18.03 9.91
C VAL A 135 -11.40 17.57 9.24
N VAL A 136 -11.02 18.20 8.14
CA VAL A 136 -9.85 17.73 7.40
C VAL A 136 -8.69 18.71 7.41
N CYS A 137 -7.49 18.20 7.70
CA CYS A 137 -6.28 18.97 7.62
C CYS A 137 -5.40 18.40 6.52
N LEU A 138 -4.94 19.27 5.62
CA LEU A 138 -4.08 18.87 4.51
C LEU A 138 -2.67 19.45 4.68
N LEU A 139 -1.69 18.56 4.60
CA LEU A 139 -0.27 18.93 4.52
C LEU A 139 0.19 18.65 3.10
N ASN A 140 0.52 19.69 2.34
CA ASN A 140 0.75 19.55 0.92
C ASN A 140 2.23 19.68 0.52
N ASN A 141 2.72 18.65 -0.17
CA ASN A 141 4.04 18.66 -0.83
C ASN A 141 5.22 19.01 0.06
N PHE A 142 5.48 18.11 1.00
CA PHE A 142 6.56 18.28 1.97
C PHE A 142 7.58 17.16 1.86
N TYR A 143 8.79 17.41 2.39
CA TYR A 143 9.83 16.41 2.40
C TYR A 143 10.79 16.78 3.55
N PRO A 144 11.22 15.78 4.35
CA PRO A 144 10.93 14.35 4.28
C PRO A 144 9.56 13.97 4.80
N ARG A 145 9.27 12.68 4.78
CA ARG A 145 7.95 12.15 5.07
C ARG A 145 7.50 12.38 6.53
N GLU A 146 8.45 12.41 7.47
CA GLU A 146 8.14 12.55 8.89
C GLU A 146 7.38 13.84 9.17
N ALA A 147 6.22 13.69 9.79
CA ALA A 147 5.36 14.82 10.10
C ALA A 147 4.48 14.46 11.29
N LYS A 148 4.10 15.47 12.06
CA LYS A 148 3.29 15.26 13.25
C LYS A 148 2.06 16.15 13.17
N VAL A 149 0.87 15.56 13.25
CA VAL A 149 -0.35 16.35 13.26
C VAL A 149 -1.13 16.04 14.51
N GLN A 150 -1.47 17.09 15.26
CA GLN A 150 -2.28 16.94 16.46
C GLN A 150 -3.53 17.80 16.38
N TRP A 151 -4.65 17.24 16.79
CA TRP A 151 -5.92 17.95 16.81
C TRP A 151 -6.24 18.48 18.20
N LYS A 152 -6.74 19.71 18.25
CA LYS A 152 -7.20 20.28 19.50
C LYS A 152 -8.58 20.87 19.31
N VAL A 153 -9.46 20.57 20.25
CA VAL A 153 -10.82 21.10 20.23
C VAL A 153 -11.04 21.84 21.55
N ASP A 154 -11.22 23.16 21.43
CA ASP A 154 -11.23 24.06 22.60
C ASP A 154 -10.05 23.72 23.52
N ASN A 155 -8.89 23.58 22.88
CA ASN A 155 -7.59 23.33 23.52
C ASN A 155 -7.40 21.92 24.06
N ALA A 156 -8.41 21.07 23.96
CA ALA A 156 -8.28 19.69 24.40
C ALA A 156 -7.64 18.83 23.31
N LEU A 157 -6.53 18.19 23.65
CA LEU A 157 -5.88 17.29 22.70
C LEU A 157 -6.78 16.10 22.39
N GLN A 158 -6.96 15.83 21.10
CA GLN A 158 -7.83 14.71 20.70
C GLN A 158 -7.02 13.45 20.57
N SER A 159 -7.61 12.32 20.96
CA SER A 159 -6.97 11.02 20.74
C SER A 159 -7.99 9.97 20.36
N GLY A 160 -7.65 9.19 19.35
CA GLY A 160 -8.45 8.04 18.97
C GLY A 160 -9.56 8.34 18.01
N ASN A 161 -9.74 9.62 17.66
CA ASN A 161 -10.80 9.99 16.74
C ASN A 161 -10.29 10.67 15.46
N SER A 162 -9.03 10.39 15.11
CA SER A 162 -8.50 10.89 13.85
C SER A 162 -7.78 9.80 13.10
N GLN A 163 -7.72 9.95 11.79
CA GLN A 163 -6.99 8.99 10.97
C GLN A 163 -6.18 9.77 9.94
N GLU A 164 -4.98 9.28 9.66
CA GLU A 164 -4.05 9.91 8.73
C GLU A 164 -3.88 9.05 7.49
N SER A 165 -3.59 9.70 6.37
CA SER A 165 -3.30 9.04 5.12
C SER A 165 -2.20 9.79 4.38
N VAL A 166 -1.25 9.08 3.79
CA VAL A 166 -0.12 9.73 3.13
C VAL A 166 0.03 9.22 1.71
N THR A 167 0.22 10.11 0.76
CA THR A 167 0.45 9.71 -0.62
C THR A 167 1.81 9.05 -0.82
N GLU A 168 1.92 8.30 -1.91
CA GLU A 168 3.23 7.84 -2.34
C GLU A 168 4.05 9.03 -2.81
N GLN A 169 5.36 8.88 -2.79
CA GLN A 169 6.24 9.95 -3.22
C GLN A 169 5.89 10.46 -4.62
N ASP A 170 5.80 11.78 -4.76
CA ASP A 170 5.38 12.39 -6.00
C ASP A 170 6.37 12.13 -7.13
N SER A 171 5.86 11.73 -8.27
CA SER A 171 6.70 11.34 -9.39
C SER A 171 7.47 12.52 -9.99
N LYS A 172 6.99 13.75 -9.76
CA LYS A 172 7.64 14.92 -10.35
C LYS A 172 8.56 15.64 -9.37
N ASP A 173 8.10 15.86 -8.13
CA ASP A 173 8.93 16.65 -7.22
C ASP A 173 9.37 15.90 -5.97
N SER A 174 9.07 14.60 -5.90
CA SER A 174 9.57 13.74 -4.82
C SER A 174 9.12 14.13 -3.40
N THR A 175 8.01 14.87 -3.31
CA THR A 175 7.42 15.19 -2.02
C THR A 175 6.32 14.23 -1.63
N TYR A 176 5.90 14.35 -0.37
CA TYR A 176 4.74 13.66 0.14
C TYR A 176 3.63 14.64 0.48
N SER A 177 2.40 14.14 0.52
CA SER A 177 1.28 14.90 1.05
C SER A 177 0.54 14.03 2.04
N LEU A 178 -0.13 14.68 2.99
CA LEU A 178 -0.78 13.99 4.09
C LEU A 178 -2.14 14.60 4.38
N SER A 179 -3.11 13.75 4.65
CA SER A 179 -4.39 14.20 5.15
CA SER A 179 -4.40 14.18 5.13
C SER A 179 -4.59 13.65 6.55
N SER A 180 -5.13 14.49 7.44
CA SER A 180 -5.55 14.04 8.76
C SER A 180 -7.02 14.41 8.91
N THR A 181 -7.84 13.44 9.27
CA THR A 181 -9.27 13.69 9.37
C THR A 181 -9.77 13.37 10.77
N LEU A 182 -10.38 14.38 11.40
CA LEU A 182 -10.96 14.26 12.72
C LEU A 182 -12.45 13.97 12.59
N THR A 183 -12.91 12.88 13.19
CA THR A 183 -14.32 12.50 13.08
C THR A 183 -15.04 12.64 14.41
N LEU A 184 -16.12 13.40 14.38
CA LEU A 184 -16.96 13.63 15.57
C LEU A 184 -18.42 13.43 15.20
N SER A 185 -19.25 13.04 16.15
CA SER A 185 -20.68 13.05 15.92
C SER A 185 -21.08 14.52 15.77
N LYS A 186 -22.18 14.79 15.07
CA LYS A 186 -22.61 16.17 14.93
C LYS A 186 -22.89 16.77 16.30
N ALA A 187 -23.44 15.96 17.20
CA ALA A 187 -23.71 16.37 18.57
C ALA A 187 -22.47 16.95 19.25
N ASP A 188 -21.37 16.20 19.23
CA ASP A 188 -20.14 16.66 19.86
C ASP A 188 -19.54 17.83 19.10
N TYR A 189 -19.66 17.81 17.78
CA TYR A 189 -19.10 18.90 16.98
C TYR A 189 -19.73 20.24 17.37
N GLU A 190 -21.03 20.24 17.60
CA GLU A 190 -21.72 21.49 17.93
C GLU A 190 -21.57 21.88 19.41
N LYS A 191 -20.93 21.01 20.19
CA LYS A 191 -20.68 21.29 21.61
C LYS A 191 -19.44 22.16 21.82
N HIS A 192 -18.66 22.37 20.76
CA HIS A 192 -17.39 23.05 20.89
C HIS A 192 -17.23 24.12 19.82
N LYS A 193 -16.32 25.07 20.05
CA LYS A 193 -16.22 26.22 19.16
C LYS A 193 -14.97 26.22 18.29
N VAL A 194 -13.81 25.97 18.89
CA VAL A 194 -12.56 26.17 18.18
C VAL A 194 -11.91 24.84 17.80
N TYR A 195 -11.70 24.66 16.50
CA TYR A 195 -11.09 23.46 15.96
C TYR A 195 -9.73 23.80 15.37
N ALA A 196 -8.70 23.11 15.85
CA ALA A 196 -7.34 23.46 15.46
C ALA A 196 -6.51 22.22 15.11
N CYS A 197 -5.68 22.39 14.09
CA CYS A 197 -4.75 21.39 13.56
C CYS A 197 -3.33 21.91 13.82
N GLU A 198 -2.56 21.22 14.65
CA GLU A 198 -1.16 21.58 14.91
C GLU A 198 -0.21 20.68 14.12
N VAL A 199 0.57 21.29 13.23
CA VAL A 199 1.45 20.55 12.32
C VAL A 199 2.92 20.76 12.64
N THR A 200 3.63 19.67 12.89
CA THR A 200 5.07 19.74 13.11
C THR A 200 5.84 19.06 11.97
N HIS A 201 6.75 19.81 11.38
CA HIS A 201 7.60 19.30 10.30
C HIS A 201 8.94 20.02 10.34
N GLN A 202 10.02 19.30 9.99
CA GLN A 202 11.34 19.87 10.15
C GLN A 202 11.58 21.06 9.24
N GLY A 203 10.79 21.18 8.18
CA GLY A 203 10.86 22.33 7.30
C GLY A 203 10.24 23.58 7.91
N LEU A 204 9.61 23.43 9.07
CA LEU A 204 8.96 24.54 9.75
C LEU A 204 9.73 24.88 11.03
N SER A 205 10.11 26.16 11.16
CA SER A 205 10.85 26.65 12.31
C SER A 205 10.12 26.39 13.64
N SER A 206 8.85 26.73 13.67
CA SER A 206 8.00 26.38 14.81
C SER A 206 6.69 25.80 14.25
N PRO A 207 6.03 24.91 15.00
CA PRO A 207 4.86 24.22 14.42
C PRO A 207 3.77 25.18 13.97
N VAL A 208 3.04 24.81 12.93
CA VAL A 208 2.00 25.65 12.37
C VAL A 208 0.62 25.19 12.86
N THR A 209 -0.17 26.14 13.34
CA THR A 209 -1.53 25.86 13.74
C THR A 209 -2.49 26.48 12.73
N LYS A 210 -3.45 25.69 12.24
CA LYS A 210 -4.54 26.22 11.45
C LYS A 210 -5.81 25.97 12.22
N SER A 211 -6.70 26.95 12.26
CA SER A 211 -7.90 26.82 13.07
C SER A 211 -9.09 27.57 12.49
N PHE A 212 -10.28 27.24 13.00
CA PHE A 212 -11.48 28.01 12.69
C PHE A 212 -12.46 27.96 13.87
N ASN A 213 -13.37 28.94 13.91
CA ASN A 213 -14.51 28.90 14.83
C ASN A 213 -15.72 28.29 14.13
N ARG A 214 -16.32 27.29 14.74
CA ARG A 214 -17.52 26.67 14.20
C ARG A 214 -18.58 27.72 13.91
N ALA B 2 8.01 -17.89 -19.08
CA ALA B 2 7.16 -18.68 -18.20
C ALA B 2 6.24 -17.75 -17.43
N GLN B 3 4.98 -18.15 -17.29
CA GLN B 3 3.99 -17.35 -16.55
C GLN B 3 3.13 -18.24 -15.69
N LEU B 4 2.66 -17.64 -14.61
CA LEU B 4 1.55 -18.18 -13.82
C LEU B 4 0.44 -17.17 -13.95
N VAL B 5 -0.67 -17.61 -14.54
CA VAL B 5 -1.76 -16.71 -14.85
C VAL B 5 -2.83 -16.83 -13.77
N GLU B 6 -2.92 -15.79 -12.94
CA GLU B 6 -3.69 -15.83 -11.71
C GLU B 6 -5.10 -15.28 -11.88
N SER B 7 -6.07 -15.93 -11.22
CA SER B 7 -7.45 -15.48 -11.20
C SER B 7 -8.13 -15.82 -9.88
N GLY B 8 -9.32 -15.28 -9.69
CA GLY B 8 -10.13 -15.60 -8.54
C GLY B 8 -10.22 -14.48 -7.53
N GLY B 9 -10.31 -14.86 -6.27
CA GLY B 9 -10.40 -13.88 -5.21
C GLY B 9 -11.80 -13.33 -5.10
N GLY B 10 -11.95 -12.18 -4.46
CA GLY B 10 -13.26 -11.57 -4.28
C GLY B 10 -13.43 -10.88 -2.94
N VAL B 11 -14.68 -10.62 -2.60
CA VAL B 11 -15.06 -9.90 -1.38
C VAL B 11 -16.14 -10.71 -0.69
N VAL B 12 -15.86 -11.14 0.53
CA VAL B 12 -16.81 -12.01 1.25
C VAL B 12 -16.95 -11.63 2.70
N GLN B 13 -17.97 -12.20 3.32
CA GLN B 13 -18.21 -12.06 4.75
C GLN B 13 -17.28 -12.95 5.57
N PRO B 14 -17.04 -12.61 6.83
CA PRO B 14 -16.21 -13.48 7.66
C PRO B 14 -16.81 -14.88 7.80
N GLY B 15 -15.92 -15.86 7.81
CA GLY B 15 -16.35 -17.25 7.92
C GLY B 15 -16.68 -17.91 6.59
N ARG B 16 -16.69 -17.12 5.52
CA ARG B 16 -17.04 -17.62 4.20
C ARG B 16 -15.78 -18.05 3.43
N SER B 17 -15.96 -18.39 2.16
CA SER B 17 -14.94 -19.06 1.36
C SER B 17 -14.69 -18.40 0.00
N LEU B 18 -13.45 -18.47 -0.47
CA LEU B 18 -13.06 -18.02 -1.80
C LEU B 18 -12.05 -19.00 -2.35
N THR B 19 -11.89 -19.00 -3.66
CA THR B 19 -10.89 -19.83 -4.31
C THR B 19 -9.99 -18.94 -5.15
N LEU B 20 -8.69 -19.26 -5.15
CA LEU B 20 -7.76 -18.64 -6.08
C LEU B 20 -7.20 -19.71 -6.99
N SER B 21 -6.84 -19.32 -8.20
CA SER B 21 -6.32 -20.27 -9.18
C SER B 21 -5.16 -19.65 -9.95
N CYS B 22 -4.22 -20.49 -10.38
CA CYS B 22 -3.16 -20.07 -11.31
C CYS B 22 -2.98 -21.12 -12.38
N ALA B 23 -2.92 -20.68 -13.63
CA ALA B 23 -2.65 -21.57 -14.75
C ALA B 23 -1.22 -21.39 -15.25
N ALA B 24 -0.52 -22.50 -15.40
CA ALA B 24 0.86 -22.45 -15.87
C ALA B 24 0.91 -22.22 -17.37
N SER B 25 1.94 -21.51 -17.83
CA SER B 25 2.16 -21.31 -19.25
C SER B 25 3.66 -21.21 -19.53
N GLY B 26 4.15 -22.00 -20.51
CA GLY B 26 5.53 -21.87 -20.94
C GLY B 26 6.60 -22.57 -20.14
N PHE B 27 6.19 -23.44 -19.22
CA PHE B 27 7.13 -24.31 -18.52
C PHE B 27 6.43 -25.60 -18.12
N THR B 28 7.21 -26.56 -17.63
CA THR B 28 6.65 -27.84 -17.23
C THR B 28 6.19 -27.76 -15.78
N PHE B 29 4.89 -27.56 -15.63
CA PHE B 29 4.27 -27.29 -14.34
C PHE B 29 4.60 -28.36 -13.29
N SER B 30 4.45 -29.62 -13.70
CA SER B 30 4.57 -30.75 -12.77
C SER B 30 5.98 -30.98 -12.27
N SER B 31 6.95 -30.25 -12.82
CA SER B 31 8.33 -30.38 -12.39
C SER B 31 8.69 -29.48 -11.22
N HIS B 32 7.75 -28.65 -10.73
CA HIS B 32 8.11 -27.64 -9.73
C HIS B 32 7.13 -27.55 -8.59
N GLY B 33 7.69 -27.35 -7.40
CA GLY B 33 6.89 -26.99 -6.24
C GLY B 33 6.24 -25.63 -6.49
N MET B 34 5.07 -25.46 -5.88
CA MET B 34 4.26 -24.26 -6.05
C MET B 34 3.83 -23.67 -4.72
N HIS B 35 3.77 -22.34 -4.64
CA HIS B 35 3.53 -21.64 -3.39
C HIS B 35 2.46 -20.58 -3.52
N TRP B 36 1.87 -20.22 -2.39
CA TRP B 36 1.10 -18.99 -2.28
C TRP B 36 1.77 -18.08 -1.26
N VAL B 37 1.79 -16.78 -1.58
CA VAL B 37 2.36 -15.71 -0.77
C VAL B 37 1.33 -14.60 -0.72
N ARG B 38 1.25 -13.84 0.37
CA ARG B 38 0.30 -12.74 0.40
C ARG B 38 0.88 -11.49 1.01
N GLN B 39 0.22 -10.36 0.76
CA GLN B 39 0.59 -9.12 1.39
C GLN B 39 -0.66 -8.38 1.85
N ALA B 40 -0.79 -8.25 3.17
CA ALA B 40 -1.91 -7.55 3.78
C ALA B 40 -1.63 -6.06 3.76
N PRO B 41 -2.69 -5.23 3.82
CA PRO B 41 -2.44 -3.78 3.84
C PRO B 41 -1.56 -3.37 5.02
N GLY B 42 -0.51 -2.60 4.72
CA GLY B 42 0.37 -2.10 5.76
C GLY B 42 1.41 -3.09 6.24
N LYS B 43 1.40 -4.30 5.69
CA LYS B 43 2.31 -5.35 6.13
C LYS B 43 3.22 -5.80 4.99
N GLY B 44 4.17 -6.67 5.31
CA GLY B 44 5.10 -7.17 4.31
C GLY B 44 4.63 -8.45 3.65
N LEU B 45 5.49 -9.02 2.85
CA LEU B 45 5.18 -10.31 2.25
C LEU B 45 5.15 -11.42 3.30
N GLU B 46 4.16 -12.30 3.19
CA GLU B 46 3.99 -13.44 4.11
C GLU B 46 3.81 -14.72 3.30
N TRP B 47 4.63 -15.73 3.56
CA TRP B 47 4.47 -17.03 2.93
C TRP B 47 3.22 -17.71 3.50
N VAL B 48 2.44 -18.36 2.63
CA VAL B 48 1.14 -18.93 3.02
C VAL B 48 1.14 -20.47 2.97
N ALA B 49 1.57 -21.04 1.85
CA ALA B 49 1.47 -22.50 1.67
C ALA B 49 2.32 -23.00 0.52
N VAL B 50 2.64 -24.29 0.54
CA VAL B 50 3.37 -24.95 -0.53
C VAL B 50 2.74 -26.29 -0.84
N ILE B 51 2.81 -26.67 -2.12
CA ILE B 51 2.53 -28.04 -2.53
C ILE B 51 3.68 -28.54 -3.40
N ALA B 52 4.16 -29.76 -3.13
CA ALA B 52 5.27 -30.31 -3.87
C ALA B 52 4.90 -30.56 -5.33
N SER B 53 5.93 -30.69 -6.16
CA SER B 53 5.77 -30.93 -7.58
C SER B 53 4.70 -31.97 -7.90
N HIS B 54 4.77 -33.12 -7.26
CA HIS B 54 3.86 -34.19 -7.63
C HIS B 54 2.63 -34.21 -6.76
N GLY B 55 2.45 -33.16 -5.97
CA GLY B 55 1.24 -32.96 -5.20
C GLY B 55 1.08 -33.91 -4.03
N ASN B 56 2.19 -34.53 -3.62
CA ASN B 56 2.17 -35.58 -2.62
C ASN B 56 2.34 -35.08 -1.18
N VAL B 57 2.72 -33.82 -1.04
CA VAL B 57 2.96 -33.22 0.27
C VAL B 57 2.59 -31.74 0.22
N ASN B 58 1.92 -31.25 1.24
CA ASN B 58 1.69 -29.81 1.37
C ASN B 58 2.10 -29.33 2.75
N TYR B 59 2.19 -28.03 2.90
CA TYR B 59 2.63 -27.43 4.15
C TYR B 59 2.05 -26.01 4.21
N TYR B 60 1.73 -25.55 5.41
CA TYR B 60 1.02 -24.31 5.60
C TYR B 60 1.65 -23.46 6.68
N ALA B 61 1.51 -22.15 6.54
CA ALA B 61 1.80 -21.25 7.63
C ALA B 61 0.83 -21.52 8.77
N ASP B 62 1.31 -21.36 10.00
CA ASP B 62 0.44 -21.56 11.15
C ASP B 62 -0.83 -20.71 11.09
N SER B 63 -0.70 -19.51 10.54
CA SER B 63 -1.81 -18.55 10.47
C SER B 63 -2.99 -19.05 9.64
N VAL B 64 -2.77 -20.02 8.76
CA VAL B 64 -3.83 -20.45 7.86
C VAL B 64 -4.08 -21.95 7.90
N LYS B 65 -3.23 -22.68 8.62
CA LYS B 65 -3.36 -24.13 8.71
C LYS B 65 -4.74 -24.52 9.25
N GLY B 66 -5.38 -25.47 8.58
CA GLY B 66 -6.70 -25.93 8.97
C GLY B 66 -7.82 -25.16 8.32
N ARG B 67 -7.50 -24.03 7.69
CA ARG B 67 -8.51 -23.21 7.05
C ARG B 67 -8.31 -23.11 5.55
N PHE B 68 -7.06 -23.01 5.12
CA PHE B 68 -6.74 -22.98 3.68
C PHE B 68 -6.30 -24.36 3.18
N THR B 69 -6.71 -24.71 1.97
CA THR B 69 -6.28 -25.97 1.34
C THR B 69 -5.60 -25.68 0.00
N ILE B 70 -4.33 -26.04 -0.11
CA ILE B 70 -3.62 -25.90 -1.37
C ILE B 70 -3.74 -27.22 -2.15
N SER B 71 -3.86 -27.10 -3.47
CA SER B 71 -3.96 -28.28 -4.32
C SER B 71 -3.44 -27.93 -5.70
N ARG B 72 -3.18 -28.96 -6.50
CA ARG B 72 -2.75 -28.73 -7.86
C ARG B 72 -3.33 -29.82 -8.75
N ASP B 73 -3.42 -29.49 -10.03
CA ASP B 73 -3.92 -30.40 -11.05
C ASP B 73 -2.81 -30.48 -12.08
N ASN B 74 -2.07 -31.58 -12.07
CA ASN B 74 -0.96 -31.75 -13.00
C ASN B 74 -1.37 -32.29 -14.36
N SER B 75 -2.68 -32.34 -14.60
CA SER B 75 -3.23 -32.65 -15.92
C SER B 75 -3.63 -31.34 -16.62
N LYS B 76 -4.36 -30.50 -15.89
CA LYS B 76 -4.76 -29.18 -16.38
C LYS B 76 -3.69 -28.13 -16.17
N ASN B 77 -2.65 -28.49 -15.41
CA ASN B 77 -1.55 -27.59 -15.06
C ASN B 77 -2.03 -26.32 -14.39
N THR B 78 -2.79 -26.51 -13.33
CA THR B 78 -3.29 -25.41 -12.51
C THR B 78 -2.94 -25.63 -11.07
N LEU B 79 -2.89 -24.51 -10.34
CA LEU B 79 -2.62 -24.46 -8.91
C LEU B 79 -3.82 -23.80 -8.26
N SER B 80 -4.25 -24.29 -7.10
CA SER B 80 -5.39 -23.73 -6.42
CA SER B 80 -5.40 -23.75 -6.42
C SER B 80 -5.11 -23.42 -4.95
N LEU B 81 -5.80 -22.42 -4.43
CA LEU B 81 -5.87 -22.18 -3.00
C LEU B 81 -7.32 -22.03 -2.61
N GLN B 82 -7.83 -23.01 -1.88
CA GLN B 82 -9.17 -22.93 -1.35
C GLN B 82 -9.11 -22.29 0.03
N MET B 83 -9.75 -21.14 0.16
CA MET B 83 -9.69 -20.39 1.42
C MET B 83 -11.03 -20.47 2.12
N ASP B 84 -11.12 -21.29 3.16
CA ASP B 84 -12.34 -21.42 3.94
C ASP B 84 -12.19 -20.69 5.26
N SER B 85 -13.29 -20.52 5.98
CA SER B 85 -13.24 -19.96 7.31
C SER B 85 -12.49 -18.64 7.35
N LEU B 86 -12.79 -17.76 6.41
CA LEU B 86 -11.99 -16.53 6.22
C LEU B 86 -12.18 -15.55 7.37
N ARG B 87 -11.09 -14.87 7.69
CA ARG B 87 -11.00 -13.88 8.76
C ARG B 87 -10.68 -12.52 8.15
N ALA B 88 -11.05 -11.43 8.82
CA ALA B 88 -10.69 -10.10 8.31
C ALA B 88 -9.20 -9.97 8.04
N GLU B 89 -8.35 -10.56 8.89
CA GLU B 89 -6.92 -10.41 8.72
C GLU B 89 -6.37 -11.21 7.53
N ASP B 90 -7.22 -12.01 6.88
CA ASP B 90 -6.83 -12.67 5.65
C ASP B 90 -6.94 -11.73 4.44
N THR B 91 -7.44 -10.52 4.66
CA THR B 91 -7.56 -9.53 3.61
C THR B 91 -6.16 -9.18 3.12
N ALA B 92 -5.92 -9.38 1.83
CA ALA B 92 -4.57 -9.26 1.28
C ALA B 92 -4.58 -9.44 -0.23
N VAL B 93 -3.51 -8.99 -0.88
CA VAL B 93 -3.22 -9.41 -2.23
C VAL B 93 -2.50 -10.75 -2.14
N TYR B 94 -2.98 -11.72 -2.89
CA TYR B 94 -2.39 -13.07 -2.93
C TYR B 94 -1.67 -13.31 -4.24
N TYR B 95 -0.49 -13.91 -4.16
CA TYR B 95 0.31 -14.28 -5.31
C TYR B 95 0.62 -15.75 -5.31
N CYS B 96 0.53 -16.38 -6.46
CA CYS B 96 1.12 -17.71 -6.60
C CYS B 96 2.56 -17.57 -7.04
N ALA B 97 3.39 -18.55 -6.69
CA ALA B 97 4.80 -18.47 -7.02
C ALA B 97 5.41 -19.84 -7.28
N LYS B 98 6.25 -19.90 -8.30
CA LYS B 98 6.95 -21.11 -8.69
C LYS B 98 8.31 -21.21 -7.99
N GLU B 99 8.69 -22.41 -7.55
CA GLU B 99 10.05 -22.62 -7.03
C GLU B 99 11.09 -22.43 -8.11
N SER B 100 12.18 -21.75 -7.76
CA SER B 100 13.30 -21.55 -8.66
C SER B 100 13.93 -22.89 -9.12
N ASP B 101 14.64 -22.82 -10.24
CA ASP B 101 15.23 -24.01 -10.88
C ASP B 101 16.60 -24.42 -10.34
N SER B 102 16.82 -25.71 -10.23
CA SER B 102 18.17 -26.23 -10.03
C SER B 102 18.94 -26.02 -11.34
N CYS B 103 20.27 -26.10 -11.28
CA CYS B 103 21.07 -25.91 -12.50
C CYS B 103 22.36 -26.71 -12.49
N GLY B 104 22.33 -27.87 -11.84
CA GLY B 104 23.51 -28.71 -11.78
C GLY B 104 24.44 -28.39 -10.62
N GLY B 105 23.87 -27.83 -9.55
CA GLY B 105 24.65 -27.65 -8.33
C GLY B 105 24.66 -26.25 -7.73
N ASP B 106 24.82 -25.23 -8.57
CA ASP B 106 25.00 -23.86 -8.07
C ASP B 106 23.69 -23.19 -7.66
N CYS B 107 22.59 -23.65 -8.25
CA CYS B 107 21.29 -23.00 -8.06
C CYS B 107 20.34 -23.83 -7.22
N SER B 108 19.66 -23.19 -6.28
CA SER B 108 18.73 -23.90 -5.43
C SER B 108 17.28 -23.71 -5.87
N ARG B 109 16.41 -24.50 -5.26
CA ARG B 109 14.97 -24.39 -5.48
C ARG B 109 14.29 -23.55 -4.42
N PHE B 110 15.07 -22.73 -3.72
CA PHE B 110 14.58 -22.06 -2.51
C PHE B 110 14.15 -20.61 -2.72
N ALA B 111 14.23 -20.12 -3.96
CA ALA B 111 13.68 -18.81 -4.29
C ALA B 111 12.40 -18.97 -5.13
N PHE B 112 11.82 -17.84 -5.51
CA PHE B 112 10.59 -17.81 -6.29
C PHE B 112 10.84 -17.06 -7.59
N ASP B 113 10.85 -17.77 -8.72
CA ASP B 113 11.29 -17.13 -9.95
C ASP B 113 10.17 -16.62 -10.84
N VAL B 114 8.98 -17.22 -10.72
CA VAL B 114 7.82 -16.82 -11.52
C VAL B 114 6.66 -16.57 -10.57
N TRP B 115 6.01 -15.42 -10.73
CA TRP B 115 4.96 -14.97 -9.83
C TRP B 115 3.68 -14.63 -10.59
N GLY B 116 2.54 -15.01 -10.04
CA GLY B 116 1.27 -14.50 -10.52
C GLY B 116 1.13 -13.01 -10.27
N HIS B 117 0.23 -12.35 -10.99
CA HIS B 117 0.16 -10.89 -10.93
C HIS B 117 -0.29 -10.34 -9.58
N GLY B 118 -1.06 -11.14 -8.85
CA GLY B 118 -1.64 -10.70 -7.59
C GLY B 118 -3.12 -10.51 -7.74
N THR B 119 -3.88 -11.00 -6.77
CA THR B 119 -5.33 -10.96 -6.83
C THR B 119 -5.84 -10.68 -5.44
N MET B 120 -6.82 -9.79 -5.34
CA MET B 120 -7.25 -9.30 -4.05
C MET B 120 -8.32 -10.16 -3.39
N VAL B 121 -8.15 -10.37 -2.10
CA VAL B 121 -9.14 -11.04 -1.26
C VAL B 121 -9.49 -10.09 -0.14
N THR B 122 -10.77 -9.80 0.03
CA THR B 122 -11.23 -8.90 1.06
C THR B 122 -12.26 -9.61 1.91
N VAL B 123 -12.07 -9.58 3.22
CA VAL B 123 -12.98 -10.25 4.17
C VAL B 123 -13.49 -9.22 5.13
N SER B 124 -14.81 -9.03 5.16
CA SER B 124 -15.41 -7.96 5.97
C SER B 124 -16.88 -8.24 6.22
N SER B 125 -17.37 -7.78 7.36
CA SER B 125 -18.81 -7.87 7.64
C SER B 125 -19.59 -6.77 6.91
N ALA B 126 -18.89 -5.76 6.40
CA ALA B 126 -19.54 -4.71 5.61
C ALA B 126 -20.16 -5.28 4.35
N SER B 127 -21.21 -4.63 3.85
CA SER B 127 -21.75 -5.01 2.56
C SER B 127 -21.58 -3.84 1.60
N THR B 128 -21.76 -4.10 0.31
CA THR B 128 -21.55 -3.09 -0.72
C THR B 128 -22.34 -1.82 -0.43
N LYS B 129 -21.66 -0.68 -0.51
CA LYS B 129 -22.27 0.62 -0.27
C LYS B 129 -21.50 1.70 -1.04
N GLY B 130 -22.22 2.55 -1.78
CA GLY B 130 -21.58 3.65 -2.48
C GLY B 130 -21.25 4.81 -1.54
N PRO B 131 -20.33 5.67 -1.96
CA PRO B 131 -19.88 6.77 -1.08
C PRO B 131 -20.83 7.96 -1.04
N SER B 132 -20.77 8.71 0.06
CA SER B 132 -21.28 10.06 0.08
C SER B 132 -20.13 10.97 -0.33
N VAL B 133 -20.39 12.04 -1.05
CA VAL B 133 -19.33 12.92 -1.52
C VAL B 133 -19.60 14.34 -1.05
N PHE B 134 -18.68 14.88 -0.24
CA PHE B 134 -18.85 16.20 0.35
C PHE B 134 -17.76 17.15 -0.14
N PRO B 135 -18.12 18.40 -0.41
CA PRO B 135 -17.09 19.35 -0.83
C PRO B 135 -16.14 19.75 0.30
N LEU B 136 -14.90 20.00 -0.08
CA LEU B 136 -13.91 20.66 0.78
C LEU B 136 -13.64 22.01 0.13
N ALA B 137 -14.45 23.01 0.48
CA ALA B 137 -14.41 24.30 -0.21
C ALA B 137 -13.16 25.10 0.13
N PRO B 138 -12.64 25.86 -0.85
CA PRO B 138 -11.43 26.65 -0.63
C PRO B 138 -11.66 27.75 0.39
N SER B 139 -10.76 27.87 1.38
CA SER B 139 -10.88 28.84 2.47
C SER B 139 -11.20 30.25 1.98
N GLY B 146 -1.19 33.08 -2.60
CA GLY B 146 -1.18 32.80 -4.02
C GLY B 146 -1.79 31.45 -4.37
N THR B 147 -1.71 30.50 -3.45
CA THR B 147 -2.17 29.13 -3.71
C THR B 147 -3.34 28.74 -2.81
N ALA B 148 -4.38 28.18 -3.42
CA ALA B 148 -5.55 27.72 -2.69
C ALA B 148 -5.66 26.20 -2.77
N ALA B 149 -6.30 25.61 -1.78
CA ALA B 149 -6.57 24.17 -1.79
C ALA B 149 -8.06 23.93 -1.69
N LEU B 150 -8.53 22.94 -2.43
CA LEU B 150 -9.93 22.55 -2.40
C LEU B 150 -9.97 21.05 -2.62
N GLY B 151 -11.11 20.43 -2.38
CA GLY B 151 -11.15 18.99 -2.52
C GLY B 151 -12.51 18.38 -2.32
N CYS B 152 -12.53 17.06 -2.26
CA CYS B 152 -13.74 16.30 -2.03
C CYS B 152 -13.47 15.22 -1.03
N LEU B 153 -14.39 15.06 -0.08
CA LEU B 153 -14.36 13.97 0.89
C LEU B 153 -15.29 12.88 0.40
N VAL B 154 -14.74 11.69 0.23
CA VAL B 154 -15.44 10.55 -0.34
C VAL B 154 -15.62 9.56 0.80
N LYS B 155 -16.79 9.56 1.40
CA LYS B 155 -16.96 8.95 2.72
C LYS B 155 -17.89 7.74 2.73
N ASP B 156 -17.52 6.74 3.53
CA ASP B 156 -18.40 5.62 3.89
C ASP B 156 -18.81 4.72 2.73
N TYR B 157 -17.82 4.12 2.07
CA TYR B 157 -18.08 3.21 0.98
C TYR B 157 -17.44 1.84 1.21
N PHE B 158 -17.91 0.85 0.47
CA PHE B 158 -17.36 -0.50 0.54
C PHE B 158 -17.74 -1.30 -0.70
N PRO B 159 -16.81 -2.10 -1.26
CA PRO B 159 -15.39 -2.23 -0.89
C PRO B 159 -14.55 -1.24 -1.67
N GLU B 160 -13.24 -1.33 -1.51
CA GLU B 160 -12.31 -0.65 -2.41
C GLU B 160 -12.47 -1.23 -3.80
N PRO B 161 -12.15 -0.46 -4.85
CA PRO B 161 -11.67 0.93 -4.83
C PRO B 161 -12.70 1.94 -5.29
N VAL B 162 -12.38 3.22 -5.10
CA VAL B 162 -13.05 4.27 -5.81
C VAL B 162 -12.04 4.92 -6.74
N THR B 163 -12.55 5.54 -7.80
CA THR B 163 -11.72 6.32 -8.69
C THR B 163 -12.15 7.77 -8.55
N VAL B 164 -11.18 8.68 -8.59
CA VAL B 164 -11.48 10.11 -8.54
C VAL B 164 -10.70 10.81 -9.62
N SER B 165 -11.40 11.64 -10.40
CA SER B 165 -10.75 12.54 -11.33
C SER B 165 -11.25 13.96 -11.07
N TRP B 166 -10.60 14.93 -11.69
CA TRP B 166 -11.04 16.31 -11.57
C TRP B 166 -11.27 16.87 -12.96
N ASN B 167 -12.42 17.51 -13.15
CA ASN B 167 -12.80 18.12 -14.43
C ASN B 167 -12.64 17.12 -15.57
N SER B 168 -13.14 15.91 -15.32
CA SER B 168 -13.12 14.79 -16.27
C SER B 168 -11.73 14.52 -16.83
N GLY B 169 -10.73 14.69 -15.98
CA GLY B 169 -9.36 14.38 -16.33
C GLY B 169 -8.56 15.56 -16.86
N ALA B 170 -9.23 16.70 -17.04
CA ALA B 170 -8.54 17.87 -17.56
C ALA B 170 -7.61 18.49 -16.52
N LEU B 171 -7.90 18.26 -15.25
CA LEU B 171 -7.09 18.79 -14.16
C LEU B 171 -6.31 17.66 -13.51
N THR B 172 -4.98 17.70 -13.63
CA THR B 172 -4.15 16.65 -13.04
C THR B 172 -3.03 17.25 -12.21
N SER B 173 -2.52 18.40 -12.63
CA SER B 173 -1.45 19.06 -11.92
C SER B 173 -1.92 19.47 -10.52
N GLY B 174 -1.18 19.08 -9.50
CA GLY B 174 -1.50 19.47 -8.14
C GLY B 174 -2.53 18.60 -7.42
N VAL B 175 -3.05 17.59 -8.10
CA VAL B 175 -4.04 16.67 -7.50
C VAL B 175 -3.37 15.65 -6.59
N HIS B 176 -3.93 15.46 -5.40
CA HIS B 176 -3.56 14.34 -4.55
C HIS B 176 -4.80 13.61 -4.06
N THR B 177 -4.94 12.37 -4.50
CA THR B 177 -6.02 11.53 -4.02
C THR B 177 -5.39 10.56 -3.04
N PHE B 178 -5.80 10.67 -1.78
CA PHE B 178 -5.17 9.93 -0.70
C PHE B 178 -5.58 8.47 -0.65
N PRO B 179 -4.68 7.60 -0.17
CA PRO B 179 -5.11 6.22 0.09
C PRO B 179 -6.30 6.18 1.04
N ALA B 180 -7.21 5.25 0.80
CA ALA B 180 -8.36 5.12 1.68
C ALA B 180 -7.95 4.62 3.07
N VAL B 181 -8.71 5.02 4.07
CA VAL B 181 -8.54 4.47 5.41
C VAL B 181 -9.78 3.66 5.75
N LEU B 182 -9.56 2.54 6.41
CA LEU B 182 -10.65 1.71 6.89
C LEU B 182 -11.11 2.26 8.23
N GLN B 183 -12.38 2.66 8.30
CA GLN B 183 -12.93 3.22 9.54
C GLN B 183 -13.40 2.09 10.45
N SER B 184 -13.63 2.40 11.72
CA SER B 184 -14.07 1.40 12.68
C SER B 184 -15.43 0.81 12.28
N SER B 185 -16.20 1.58 11.52
CA SER B 185 -17.47 1.14 10.97
C SER B 185 -17.33 -0.02 9.97
N GLY B 186 -16.12 -0.22 9.45
CA GLY B 186 -15.91 -1.18 8.39
C GLY B 186 -15.99 -0.56 7.00
N LEU B 187 -16.36 0.71 6.94
CA LEU B 187 -16.43 1.43 5.66
C LEU B 187 -15.17 2.23 5.42
N TYR B 188 -14.85 2.45 4.15
CA TYR B 188 -13.68 3.24 3.76
C TYR B 188 -14.01 4.70 3.56
N SER B 189 -12.99 5.53 3.65
CA SER B 189 -13.12 6.96 3.40
CA SER B 189 -13.12 6.96 3.40
C SER B 189 -11.80 7.50 2.88
N LEU B 190 -11.88 8.43 1.93
CA LEU B 190 -10.68 9.14 1.50
C LEU B 190 -11.03 10.56 1.13
N SER B 191 -10.00 11.39 1.00
CA SER B 191 -10.15 12.72 0.43
C SER B 191 -9.32 12.83 -0.84
N SER B 192 -9.81 13.62 -1.79
CA SER B 192 -9.03 14.01 -2.95
C SER B 192 -8.95 15.53 -2.94
N VAL B 193 -7.73 16.05 -3.04
CA VAL B 193 -7.52 17.49 -3.00
C VAL B 193 -6.76 17.97 -4.22
N VAL B 194 -6.81 19.27 -4.46
CA VAL B 194 -5.97 19.85 -5.49
C VAL B 194 -5.59 21.25 -5.00
N THR B 195 -4.35 21.66 -5.30
CA THR B 195 -3.97 23.05 -5.07
C THR B 195 -3.92 23.75 -6.43
N VAL B 196 -4.38 24.99 -6.43
CA VAL B 196 -4.55 25.76 -7.66
C VAL B 196 -4.15 27.21 -7.39
N PRO B 197 -3.90 27.99 -8.45
CA PRO B 197 -3.69 29.43 -8.21
C PRO B 197 -4.96 30.07 -7.68
N SER B 198 -4.83 30.91 -6.65
CA SER B 198 -5.98 31.59 -6.06
C SER B 198 -6.80 32.37 -7.08
N SER B 199 -6.16 32.78 -8.16
CA SER B 199 -6.84 33.53 -9.21
C SER B 199 -7.90 32.70 -9.92
N SER B 200 -7.62 31.40 -10.09
CA SER B 200 -8.53 30.54 -10.82
C SER B 200 -9.83 30.30 -10.06
N LEU B 201 -9.91 30.64 -8.77
N LEU B 201 -9.73 30.55 -8.74
CA LEU B 201 -11.11 30.29 -7.96
CA LEU B 201 -10.88 30.79 -7.90
C LEU B 201 -12.47 30.83 -8.45
C LEU B 201 -11.54 32.03 -8.43
N GLY B 202 -12.42 31.79 -9.37
CA GLY B 202 -13.52 32.65 -9.70
C GLY B 202 -13.82 32.38 -11.14
N THR B 203 -12.81 31.91 -11.85
CA THR B 203 -12.96 31.71 -13.29
CA THR B 203 -12.92 31.70 -13.29
C THR B 203 -13.03 30.22 -13.66
N GLN B 204 -12.26 29.37 -12.98
CA GLN B 204 -12.26 27.94 -13.27
C GLN B 204 -13.29 27.20 -12.42
N THR B 205 -14.08 26.34 -13.06
CA THR B 205 -15.00 25.48 -12.33
C THR B 205 -14.24 24.22 -11.90
N TYR B 206 -14.45 23.79 -10.66
CA TYR B 206 -13.82 22.57 -10.16
C TYR B 206 -14.85 21.52 -9.82
N ILE B 207 -14.76 20.39 -10.51
CA ILE B 207 -15.68 19.29 -10.31
C ILE B 207 -14.90 18.01 -10.07
N CYS B 208 -15.21 17.35 -8.96
CA CYS B 208 -14.58 16.07 -8.68
CA CYS B 208 -14.59 16.08 -8.70
C CYS B 208 -15.51 14.96 -9.16
N ASN B 209 -14.96 14.06 -9.96
CA ASN B 209 -15.73 12.97 -10.53
C ASN B 209 -15.41 11.68 -9.77
N VAL B 210 -16.40 11.16 -9.06
CA VAL B 210 -16.19 10.02 -8.19
C VAL B 210 -16.93 8.81 -8.74
N ASN B 211 -16.23 7.70 -8.93
CA ASN B 211 -16.83 6.48 -9.43
C ASN B 211 -16.54 5.31 -8.50
N HIS B 212 -17.60 4.61 -8.10
CA HIS B 212 -17.46 3.40 -7.29
C HIS B 212 -18.16 2.25 -8.00
N LYS B 213 -17.38 1.53 -8.81
CA LYS B 213 -17.94 0.47 -9.64
C LYS B 213 -18.71 -0.63 -8.88
N PRO B 214 -18.21 -1.09 -7.71
CA PRO B 214 -18.96 -2.15 -7.02
C PRO B 214 -20.43 -1.82 -6.69
N SER B 215 -20.76 -0.54 -6.54
CA SER B 215 -22.12 -0.12 -6.23
C SER B 215 -22.73 0.62 -7.41
N ASN B 216 -21.99 0.63 -8.52
CA ASN B 216 -22.30 1.44 -9.69
C ASN B 216 -22.73 2.86 -9.34
N THR B 217 -21.92 3.51 -8.51
CA THR B 217 -22.17 4.90 -8.11
C THR B 217 -21.25 5.83 -8.89
N LYS B 218 -21.83 6.88 -9.46
CA LYS B 218 -21.06 7.94 -10.09
C LYS B 218 -21.59 9.26 -9.57
N VAL B 219 -20.68 10.08 -9.03
CA VAL B 219 -21.04 11.39 -8.50
C VAL B 219 -20.10 12.45 -9.06
N ASP B 220 -20.68 13.54 -9.56
CA ASP B 220 -19.92 14.71 -9.97
C ASP B 220 -20.25 15.86 -9.03
N LYS B 221 -19.28 16.24 -8.20
CA LYS B 221 -19.51 17.26 -7.19
C LYS B 221 -18.77 18.54 -7.54
N ARG B 222 -19.51 19.63 -7.66
CA ARG B 222 -18.90 20.92 -7.85
C ARG B 222 -18.43 21.49 -6.52
N VAL B 223 -17.20 21.99 -6.50
CA VAL B 223 -16.62 22.55 -5.30
C VAL B 223 -16.37 24.04 -5.54
N GLU B 224 -17.07 24.87 -4.76
CA GLU B 224 -17.10 26.30 -5.02
C GLU B 224 -16.51 27.11 -3.89
N PRO B 225 -16.04 28.33 -4.20
CA PRO B 225 -15.64 29.23 -3.11
C PRO B 225 -16.85 29.60 -2.27
C ACT C . 17.46 -18.54 -1.96
O ACT C . 17.63 -17.83 -2.96
OXT ACT C . 18.24 -19.51 -1.86
CH3 ACT C . 16.39 -18.27 -0.93
C ACT D . 5.34 -3.05 -0.69
O ACT D . 5.03 -2.42 0.36
OXT ACT D . 5.63 -4.25 -0.53
CH3 ACT D . 5.38 -2.37 -2.03
C1 RAM E . 10.53 -30.32 0.04
C2 RAM E . 11.22 -29.18 -0.71
C3 RAM E . 10.50 -28.86 -2.01
C4 RAM E . 9.04 -28.55 -1.67
C5 RAM E . 8.41 -29.71 -0.87
C6 RAM E . 6.99 -29.42 -0.45
O1 RAM E . 10.60 -31.54 -0.69
O2 RAM E . 11.17 -28.01 0.10
O3 RAM E . 11.19 -27.80 -2.64
O4 RAM E . 8.29 -28.27 -2.85
O5 RAM E . 9.17 -30.02 0.29
#